data_3K00
#
_entry.id   3K00
#
_cell.length_a   72.177
_cell.length_b   72.177
_cell.length_c   160.454
_cell.angle_alpha   90.000
_cell.angle_beta   90.000
_cell.angle_gamma   90.000
#
_symmetry.space_group_name_H-M   'P 41 21 2'
#
loop_
_entity.id
_entity.type
_entity.pdbx_description
1 polymer 'Acarbose/maltose binding protein GacH'
2 branched alpha-D-glucopyranose-(1-4)-alpha-D-glucopyranose-(1-4)-alpha-D-glucopyranose-(1-4)-alpha-D-glucopyranose
3 water water
#
_entity_poly.entity_id   1
_entity_poly.type   'polypeptide(L)'
_entity_poly.pdbx_seq_one_letter_code
;MGSSHHHHHHSSGLVPRGSHMELSGTVTFWDTSNEAEKATYQALAEGFEKEHPKVDVKYVNVPFGEANAKFKNAAGGNSG
APDVMRTEVAWVADFASIGYLAPLDGTPALDDGSDHLPQAAASTRYEGKTYAVPQVIDTLALFYNKELLTKAGVEVPGSV
AELKTAAAEITEKTGATGLYLRGDDPYWFLPYLYGEGGDLVDEKNKTVTVDDEAGVRAYRVIKDLVDSKAAITDASDGWN
NMQNAFKSGKVAMMVNGPWAIEDVKAGARFKDAGNLGVAPVPAGSAGQGSPQGGWNLSVYAGSKNLDASYAFVKYMSSAK
VQQQTTEKLSLLPTRTSVYEVPSVADNEMVKFFKPAVDKAVERPWIAEGNALFEPIRLQMANVLSGETSPDEAAANTGDA
YRKLLKDYK
;
_entity_poly.pdbx_strand_id   A
#
loop_
_chem_comp.id
_chem_comp.type
_chem_comp.name
_chem_comp.formula
GLC D-saccharide, alpha linking alpha-D-glucopyranose 'C6 H12 O6'
#
# COMPACT_ATOMS: atom_id res chain seq x y z
N GLU A 22 34.51 4.27 -11.16
CA GLU A 22 34.17 5.60 -10.56
C GLU A 22 32.65 5.93 -10.66
N LEU A 23 32.12 6.43 -9.55
CA LEU A 23 30.80 7.04 -9.55
C LEU A 23 30.90 8.48 -9.10
N SER A 24 30.28 9.35 -9.86
CA SER A 24 30.20 10.75 -9.47
C SER A 24 28.97 11.40 -10.07
N GLY A 25 28.66 12.61 -9.62
CA GLY A 25 27.63 13.41 -10.26
C GLY A 25 26.35 13.44 -9.44
N THR A 26 25.26 13.90 -10.04
CA THR A 26 23.98 14.00 -9.29
C THR A 26 23.10 12.76 -9.43
N VAL A 27 22.52 12.34 -8.33
CA VAL A 27 21.41 11.38 -8.34
C VAL A 27 20.25 12.04 -7.59
N THR A 28 19.24 12.48 -8.35
CA THR A 28 18.02 13.03 -7.78
C THR A 28 17.06 11.88 -7.54
N PHE A 29 16.63 11.77 -6.29
CA PHE A 29 15.75 10.68 -5.86
C PHE A 29 14.43 11.27 -5.41
N TRP A 30 13.35 10.88 -6.08
CA TRP A 30 11.97 11.24 -5.65
C TRP A 30 11.42 10.13 -4.79
N ASP A 31 11.16 10.47 -3.53
CA ASP A 31 10.62 9.56 -2.51
C ASP A 31 9.18 9.95 -2.21
N THR A 32 8.28 8.97 -2.15
CA THR A 32 6.88 9.26 -1.86
C THR A 32 6.49 9.02 -0.40
N SER A 33 7.45 8.61 0.43
CA SER A 33 7.16 8.19 1.80
C SER A 33 6.52 9.33 2.60
N ASN A 34 5.77 8.97 3.64
CA ASN A 34 4.91 9.93 4.34
C ASN A 34 5.67 10.72 5.41
N GLU A 35 4.96 11.59 6.12
CA GLU A 35 5.61 12.48 7.10
C GLU A 35 6.40 11.75 8.20
N ALA A 36 5.93 10.57 8.60
CA ALA A 36 6.59 9.79 9.65
C ALA A 36 7.81 9.01 9.14
N GLU A 37 7.82 8.75 7.83
CA GLU A 37 8.83 7.89 7.20
C GLU A 37 10.00 8.69 6.60
N LYS A 38 9.71 9.93 6.20
CA LYS A 38 10.61 10.67 5.31
C LYS A 38 11.97 11.05 5.88
N ALA A 39 12.04 11.30 7.19
CA ALA A 39 13.35 11.62 7.78
C ALA A 39 14.28 10.41 7.66
N THR A 40 13.73 9.23 7.94
CA THR A 40 14.48 7.98 7.78
C THR A 40 14.97 7.79 6.34
N TYR A 41 14.05 7.95 5.38
CA TYR A 41 14.39 7.74 3.99
C TYR A 41 15.38 8.75 3.45
N GLN A 42 15.25 10.01 3.86
CA GLN A 42 16.26 11.00 3.49
C GLN A 42 17.64 10.64 4.03
N ALA A 43 17.72 10.20 5.29
CA ALA A 43 19.01 9.84 5.88
C ALA A 43 19.64 8.64 5.13
N LEU A 44 18.80 7.63 4.85
CA LEU A 44 19.27 6.46 4.10
C LEU A 44 19.81 6.83 2.74
N ALA A 45 19.05 7.65 2.02
CA ALA A 45 19.44 8.08 0.69
C ALA A 45 20.77 8.82 0.74
N GLU A 46 20.92 9.72 1.71
CA GLU A 46 22.16 10.52 1.78
C GLU A 46 23.34 9.69 2.20
N GLY A 47 23.07 8.56 2.85
CA GLY A 47 24.11 7.63 3.27
C GLY A 47 24.85 7.01 2.09
N PHE A 48 24.25 7.07 0.91
CA PHE A 48 24.93 6.60 -0.29
C PHE A 48 26.24 7.36 -0.50
N GLU A 49 26.26 8.61 -0.04
CA GLU A 49 27.44 9.48 -0.17
C GLU A 49 28.63 9.04 0.68
N LYS A 50 28.39 8.30 1.75
CA LYS A 50 29.48 7.75 2.57
C LYS A 50 30.46 6.94 1.74
N GLU A 51 29.95 5.98 0.98
CA GLU A 51 30.81 5.13 0.16
C GLU A 51 31.13 5.72 -1.22
N HIS A 52 30.35 6.72 -1.64
CA HIS A 52 30.58 7.40 -2.93
C HIS A 52 30.55 8.92 -2.75
N PRO A 53 31.62 9.49 -2.15
CA PRO A 53 31.59 10.91 -1.79
C PRO A 53 31.55 11.90 -2.96
N LYS A 54 31.85 11.44 -4.17
CA LYS A 54 31.75 12.29 -5.37
C LYS A 54 30.35 12.31 -5.98
N VAL A 55 29.45 11.51 -5.42
CA VAL A 55 28.04 11.56 -5.82
C VAL A 55 27.27 12.51 -4.92
N ASP A 56 26.47 13.39 -5.52
CA ASP A 56 25.55 14.26 -4.79
C ASP A 56 24.12 13.72 -4.90
N VAL A 57 23.62 13.22 -3.77
CA VAL A 57 22.24 12.74 -3.68
C VAL A 57 21.32 13.90 -3.38
N LYS A 58 20.39 14.16 -4.29
CA LYS A 58 19.39 15.20 -4.07
C LYS A 58 18.08 14.53 -3.75
N TYR A 59 17.75 14.52 -2.45
CA TYR A 59 16.51 13.93 -1.95
C TYR A 59 15.34 14.91 -2.17
N VAL A 60 14.24 14.41 -2.73
CA VAL A 60 12.99 15.17 -2.87
C VAL A 60 11.83 14.31 -2.40
N ASN A 61 10.99 14.87 -1.51
CA ASN A 61 9.78 14.19 -1.07
C ASN A 61 8.59 14.67 -1.91
N VAL A 62 7.89 13.72 -2.52
CA VAL A 62 6.80 14.02 -3.44
C VAL A 62 5.54 13.38 -2.87
N PRO A 63 4.48 14.18 -2.67
CA PRO A 63 3.21 13.64 -2.17
C PRO A 63 2.73 12.41 -2.96
N PHE A 64 2.34 11.36 -2.25
CA PHE A 64 1.86 10.13 -2.89
C PHE A 64 0.86 10.35 -4.03
N GLY A 65 -0.18 11.14 -3.77
CA GLY A 65 -1.27 11.38 -4.75
C GLY A 65 -0.84 12.11 -6.01
N GLU A 66 0.26 12.85 -5.90
CA GLU A 66 0.78 13.69 -6.99
C GLU A 66 1.88 12.99 -7.79
N ALA A 67 2.49 11.96 -7.20
CA ALA A 67 3.77 11.43 -7.70
C ALA A 67 3.72 10.77 -9.07
N ASN A 68 2.67 9.99 -9.32
CA ASN A 68 2.52 9.33 -10.62
C ASN A 68 2.44 10.35 -11.75
N ALA A 69 1.54 11.33 -11.59
CA ALA A 69 1.36 12.43 -12.54
C ALA A 69 2.61 13.29 -12.69
N LYS A 70 3.25 13.59 -11.55
CA LYS A 70 4.45 14.42 -11.56
C LYS A 70 5.59 13.74 -12.34
N PHE A 71 5.73 12.43 -12.15
CA PHE A 71 6.77 11.68 -12.86
C PHE A 71 6.48 11.62 -14.36
N LYS A 72 5.23 11.32 -14.73
CA LYS A 72 4.82 11.29 -16.14
C LYS A 72 5.00 12.66 -16.81
N ASN A 73 4.63 13.73 -16.09
CA ASN A 73 4.79 15.08 -16.62
C ASN A 73 6.27 15.37 -16.93
N ALA A 74 7.13 15.05 -15.96
CA ALA A 74 8.57 15.28 -16.07
C ALA A 74 9.23 14.38 -17.12
N ALA A 75 8.88 13.09 -17.11
CA ALA A 75 9.46 12.11 -18.03
C ALA A 75 9.02 12.33 -19.48
N GLY A 76 7.78 12.80 -19.66
CA GLY A 76 7.22 13.03 -20.99
C GLY A 76 7.71 14.30 -21.63
N GLY A 77 8.15 15.25 -20.80
CA GLY A 77 8.73 16.49 -21.30
C GLY A 77 10.24 16.51 -21.18
N ASN A 78 10.81 15.36 -20.79
CA ASN A 78 12.23 15.24 -20.38
C ASN A 78 12.73 16.53 -19.71
N SER A 79 12.14 16.83 -18.57
CA SER A 79 12.34 18.12 -17.93
C SER A 79 12.18 18.00 -16.42
N GLY A 80 13.31 17.95 -15.73
CA GLY A 80 13.34 17.86 -14.28
C GLY A 80 12.88 16.51 -13.77
N ALA A 81 13.07 15.45 -14.56
CA ALA A 81 12.71 14.11 -14.09
C ALA A 81 13.75 13.62 -13.08
N PRO A 82 13.33 12.79 -12.11
CA PRO A 82 14.31 12.28 -11.16
C PRO A 82 15.18 11.23 -11.86
N ASP A 83 16.33 10.95 -11.29
CA ASP A 83 17.14 9.83 -11.75
C ASP A 83 16.55 8.52 -11.22
N VAL A 84 16.15 8.53 -9.94
CA VAL A 84 15.62 7.35 -9.27
C VAL A 84 14.26 7.70 -8.69
N MET A 85 13.28 6.83 -8.94
CA MET A 85 11.88 7.07 -8.56
C MET A 85 11.41 5.97 -7.62
N ARG A 86 10.89 6.33 -6.44
CA ARG A 86 10.20 5.34 -5.61
C ARG A 86 8.88 5.03 -6.31
N THR A 87 8.75 3.77 -6.73
CA THR A 87 7.74 3.37 -7.71
C THR A 87 6.76 2.37 -7.10
N GLU A 88 5.50 2.77 -6.98
CA GLU A 88 4.49 1.89 -6.40
C GLU A 88 4.40 0.63 -7.26
N VAL A 89 4.07 -0.50 -6.64
CA VAL A 89 4.06 -1.78 -7.39
C VAL A 89 3.28 -1.73 -8.72
N ALA A 90 2.16 -0.99 -8.75
CA ALA A 90 1.35 -0.90 -9.98
C ALA A 90 1.91 0.11 -10.99
N TRP A 91 2.78 1.01 -10.53
CA TRP A 91 3.38 2.04 -11.40
C TRP A 91 4.48 1.50 -12.30
N VAL A 92 5.09 0.38 -11.92
CA VAL A 92 6.15 -0.19 -12.76
C VAL A 92 5.64 -0.43 -14.19
N ALA A 93 4.57 -1.22 -14.33
CA ALA A 93 4.01 -1.54 -15.66
C ALA A 93 3.46 -0.29 -16.34
N ASP A 94 2.88 0.59 -15.52
CA ASP A 94 2.36 1.87 -15.97
C ASP A 94 3.47 2.68 -16.68
N PHE A 95 4.52 3.04 -15.93
CA PHE A 95 5.62 3.83 -16.46
C PHE A 95 6.38 3.11 -17.58
N ALA A 96 6.63 1.82 -17.38
CA ALA A 96 7.39 1.00 -18.32
C ALA A 96 6.74 0.91 -19.70
N SER A 97 5.41 0.78 -19.72
CA SER A 97 4.64 0.63 -20.96
C SER A 97 4.74 1.85 -21.86
N ILE A 98 5.00 3.01 -21.24
CA ILE A 98 5.14 4.26 -21.99
C ILE A 98 6.61 4.69 -22.18
N GLY A 99 7.54 3.81 -21.80
CA GLY A 99 8.97 3.94 -22.11
C GLY A 99 9.81 4.78 -21.16
N TYR A 100 9.28 5.04 -19.97
CA TYR A 100 9.89 6.00 -19.04
C TYR A 100 10.94 5.40 -18.12
N LEU A 101 11.08 4.08 -18.18
CA LEU A 101 11.97 3.37 -17.27
C LEU A 101 13.11 2.65 -17.97
N ALA A 102 14.31 2.86 -17.44
CA ALA A 102 15.48 2.16 -17.90
C ALA A 102 15.39 0.66 -17.58
N PRO A 103 15.68 -0.20 -18.58
CA PRO A 103 15.77 -1.64 -18.33
C PRO A 103 16.92 -1.90 -17.38
N LEU A 104 16.75 -2.82 -16.43
CA LEU A 104 17.78 -3.07 -15.43
C LEU A 104 18.53 -4.39 -15.60
N ASP A 105 18.02 -5.28 -16.44
CA ASP A 105 18.66 -6.58 -16.67
C ASP A 105 20.09 -6.37 -17.16
N GLY A 106 21.03 -7.07 -16.55
CA GLY A 106 22.44 -6.96 -16.91
C GLY A 106 23.16 -5.72 -16.40
N THR A 107 22.49 -4.95 -15.55
CA THR A 107 23.09 -3.76 -14.95
C THR A 107 23.44 -4.06 -13.48
N PRO A 108 24.31 -3.22 -12.87
CA PRO A 108 24.68 -3.41 -11.46
C PRO A 108 23.54 -3.13 -10.47
N ALA A 109 22.41 -2.62 -10.96
CA ALA A 109 21.22 -2.41 -10.13
C ALA A 109 20.67 -3.70 -9.53
N LEU A 110 20.92 -4.81 -10.21
CA LEU A 110 20.44 -6.10 -9.76
C LEU A 110 21.59 -6.86 -9.10
N ASP A 111 21.43 -7.15 -7.82
CA ASP A 111 22.39 -7.93 -7.04
C ASP A 111 21.60 -8.80 -6.10
N ASP A 112 21.97 -10.08 -6.05
CA ASP A 112 21.26 -11.08 -5.24
C ASP A 112 19.75 -10.97 -5.44
N GLY A 113 19.34 -10.97 -6.72
CA GLY A 113 17.93 -10.81 -7.10
C GLY A 113 17.01 -11.89 -6.55
N SER A 114 17.51 -13.12 -6.49
CA SER A 114 16.73 -14.28 -6.04
C SER A 114 16.31 -14.20 -4.55
N ASP A 115 16.95 -13.29 -3.82
CA ASP A 115 16.62 -13.04 -2.41
C ASP A 115 15.20 -12.48 -2.24
N HIS A 116 14.73 -11.73 -3.23
CA HIS A 116 13.41 -11.09 -3.14
C HIS A 116 12.26 -12.08 -3.18
N LEU A 117 11.24 -11.81 -2.37
CA LEU A 117 9.97 -12.52 -2.44
C LEU A 117 9.44 -12.53 -3.87
N PRO A 118 9.01 -13.72 -4.37
CA PRO A 118 8.49 -13.90 -5.74
C PRO A 118 7.45 -12.86 -6.15
N GLN A 119 6.47 -12.61 -5.28
CA GLN A 119 5.37 -11.69 -5.59
C GLN A 119 5.85 -10.23 -5.64
N ALA A 120 6.92 -9.95 -4.89
CA ALA A 120 7.60 -8.66 -4.99
C ALA A 120 8.31 -8.56 -6.34
N ALA A 121 9.02 -9.63 -6.72
CA ALA A 121 9.72 -9.65 -8.00
C ALA A 121 8.78 -9.53 -9.21
N ALA A 122 7.62 -10.16 -9.15
CA ALA A 122 6.63 -10.09 -10.24
C ALA A 122 6.25 -8.64 -10.60
N SER A 123 6.09 -7.80 -9.59
CA SER A 123 5.73 -6.40 -9.81
C SER A 123 6.80 -5.56 -10.50
N THR A 124 8.04 -6.06 -10.58
CA THR A 124 9.15 -5.34 -11.20
C THR A 124 9.27 -5.62 -12.70
N ARG A 125 8.46 -6.55 -13.19
CA ARG A 125 8.59 -7.09 -14.54
C ARG A 125 7.53 -6.54 -15.49
N TYR A 126 7.94 -6.25 -16.72
CA TYR A 126 7.01 -5.88 -17.78
C TYR A 126 7.51 -6.39 -19.12
N GLU A 127 6.69 -7.20 -19.79
CA GLU A 127 7.02 -7.78 -21.09
C GLU A 127 8.43 -8.41 -21.13
N GLY A 128 8.69 -9.27 -20.14
CA GLY A 128 9.93 -10.05 -20.07
C GLY A 128 11.19 -9.25 -19.77
N LYS A 129 11.02 -8.07 -19.17
CA LYS A 129 12.16 -7.24 -18.77
C LYS A 129 11.96 -6.71 -17.34
N THR A 130 13.07 -6.47 -16.64
CA THR A 130 13.05 -5.94 -15.29
C THR A 130 13.20 -4.41 -15.31
N TYR A 131 12.24 -3.70 -14.73
CA TYR A 131 12.27 -2.23 -14.72
C TYR A 131 12.33 -1.63 -13.32
N ALA A 132 12.54 -2.48 -12.31
CA ALA A 132 12.58 -2.00 -10.93
C ALA A 132 13.22 -3.03 -10.03
N VAL A 133 13.58 -2.59 -8.82
CA VAL A 133 14.06 -3.49 -7.76
C VAL A 133 13.12 -3.35 -6.56
N PRO A 134 12.72 -4.48 -5.95
CA PRO A 134 11.81 -4.35 -4.82
C PRO A 134 12.44 -3.63 -3.61
N GLN A 135 11.61 -2.86 -2.92
CA GLN A 135 12.03 -2.10 -1.74
C GLN A 135 11.28 -2.57 -0.47
N VAL A 136 9.98 -2.30 -0.41
CA VAL A 136 9.14 -2.81 0.69
C VAL A 136 7.90 -3.48 0.12
N ILE A 137 7.37 -4.42 0.89
CA ILE A 137 6.12 -5.08 0.56
C ILE A 137 5.14 -4.82 1.72
N ASP A 138 3.85 -4.74 1.41
CA ASP A 138 2.87 -4.47 2.45
C ASP A 138 1.50 -5.08 2.12
N THR A 139 0.63 -5.01 3.12
CA THR A 139 -0.77 -5.34 2.98
C THR A 139 -1.56 -4.52 3.99
N LEU A 140 -2.88 -4.60 3.95
CA LEU A 140 -3.73 -3.94 4.96
C LEU A 140 -4.05 -4.90 6.09
N ALA A 141 -4.24 -4.32 7.28
CA ALA A 141 -4.58 -5.06 8.51
C ALA A 141 -5.52 -4.21 9.37
N LEU A 142 -6.15 -4.86 10.33
CA LEU A 142 -6.98 -4.20 11.32
C LEU A 142 -6.13 -3.75 12.51
N PHE A 143 -5.93 -2.45 12.64
CA PHE A 143 -5.35 -1.87 13.84
C PHE A 143 -6.43 -1.60 14.88
N TYR A 144 -6.10 -1.80 16.15
CA TYR A 144 -7.05 -1.57 17.19
C TYR A 144 -6.42 -1.02 18.45
N ASN A 145 -7.28 -0.33 19.21
CA ASN A 145 -6.88 0.31 20.44
C ASN A 145 -7.17 -0.70 21.54
N LYS A 146 -6.10 -1.26 22.12
CA LYS A 146 -6.29 -2.34 23.08
C LYS A 146 -7.12 -1.93 24.30
N GLU A 147 -6.84 -0.75 24.85
CA GLU A 147 -7.56 -0.28 26.04
C GLU A 147 -9.06 -0.13 25.78
N LEU A 148 -9.44 0.40 24.61
CA LEU A 148 -10.85 0.54 24.29
C LEU A 148 -11.56 -0.80 24.17
N LEU A 149 -10.95 -1.76 23.49
CA LEU A 149 -11.60 -3.06 23.36
C LEU A 149 -11.74 -3.72 24.73
N THR A 150 -10.69 -3.62 25.54
CA THR A 150 -10.73 -4.19 26.90
C THR A 150 -11.85 -3.55 27.71
N LYS A 151 -11.96 -2.22 27.66
CA LYS A 151 -13.00 -1.52 28.42
C LYS A 151 -14.40 -1.96 27.96
N ALA A 152 -14.58 -2.14 26.66
CA ALA A 152 -15.86 -2.57 26.10
C ALA A 152 -16.17 -4.05 26.33
N GLY A 153 -15.18 -4.80 26.82
CA GLY A 153 -15.33 -6.24 27.07
C GLY A 153 -15.44 -7.07 25.82
N VAL A 154 -14.81 -6.61 24.74
CA VAL A 154 -14.88 -7.35 23.49
C VAL A 154 -13.51 -7.85 23.04
N GLU A 155 -13.58 -8.87 22.19
CA GLU A 155 -12.45 -9.48 21.54
C GLU A 155 -12.22 -8.76 20.21
N VAL A 156 -10.99 -8.75 19.74
CA VAL A 156 -10.71 -8.24 18.40
C VAL A 156 -11.57 -9.03 17.40
N PRO A 157 -12.38 -8.34 16.57
CA PRO A 157 -13.32 -9.09 15.69
C PRO A 157 -12.65 -9.78 14.50
N GLY A 158 -13.07 -11.03 14.27
CA GLY A 158 -12.55 -11.80 13.14
C GLY A 158 -13.28 -11.64 11.83
N SER A 159 -14.51 -11.15 11.92
CA SER A 159 -15.41 -11.04 10.78
C SER A 159 -16.16 -9.72 10.86
N VAL A 160 -16.76 -9.31 9.75
CA VAL A 160 -17.61 -8.11 9.70
C VAL A 160 -18.78 -8.24 10.68
N ALA A 161 -19.39 -9.44 10.75
CA ALA A 161 -20.47 -9.68 11.70
C ALA A 161 -20.01 -9.42 13.13
N GLU A 162 -18.83 -9.94 13.47
CA GLU A 162 -18.28 -9.75 14.81
C GLU A 162 -17.89 -8.31 15.04
N LEU A 163 -17.42 -7.64 13.98
CA LEU A 163 -17.08 -6.22 14.08
C LEU A 163 -18.29 -5.38 14.40
N LYS A 164 -19.44 -5.66 13.75
CA LYS A 164 -20.68 -4.95 14.07
C LYS A 164 -21.08 -5.15 15.54
N THR A 165 -21.06 -6.39 16.01
CA THR A 165 -21.36 -6.64 17.42
C THR A 165 -20.40 -5.89 18.37
N ALA A 166 -19.11 -5.98 18.07
CA ALA A 166 -18.11 -5.31 18.88
C ALA A 166 -18.33 -3.80 18.87
N ALA A 167 -18.63 -3.24 17.71
CA ALA A 167 -18.78 -1.80 17.59
C ALA A 167 -19.92 -1.30 18.49
N ALA A 168 -21.01 -2.06 18.56
CA ALA A 168 -22.15 -1.66 19.38
C ALA A 168 -21.75 -1.64 20.85
N GLU A 169 -21.01 -2.65 21.29
CA GLU A 169 -20.54 -2.70 22.68
C GLU A 169 -19.58 -1.56 22.97
N ILE A 170 -18.70 -1.25 21.99
CA ILE A 170 -17.75 -0.14 22.14
C ILE A 170 -18.50 1.19 22.31
N THR A 171 -19.51 1.43 21.49
CA THR A 171 -20.24 2.69 21.63
C THR A 171 -21.03 2.74 22.95
N GLU A 172 -21.68 1.63 23.30
CA GLU A 172 -22.44 1.53 24.54
C GLU A 172 -21.59 1.82 25.76
N LYS A 173 -20.40 1.23 25.82
CA LYS A 173 -19.60 1.23 27.04
C LYS A 173 -18.53 2.32 27.10
N THR A 174 -18.13 2.87 25.94
CA THR A 174 -17.03 3.83 25.88
C THR A 174 -17.36 5.13 25.17
N GLY A 175 -18.41 5.14 24.33
CA GLY A 175 -18.75 6.30 23.52
C GLY A 175 -18.03 6.41 22.18
N ALA A 176 -16.94 5.65 22.02
CA ALA A 176 -16.21 5.63 20.75
C ALA A 176 -17.01 4.90 19.67
N THR A 177 -16.71 5.20 18.43
CA THR A 177 -17.25 4.43 17.33
C THR A 177 -16.34 3.23 17.12
N GLY A 178 -16.89 2.11 16.66
CA GLY A 178 -16.05 0.90 16.46
C GLY A 178 -14.94 1.12 15.46
N LEU A 179 -15.30 1.59 14.26
CA LEU A 179 -14.36 1.59 13.13
C LEU A 179 -14.31 2.91 12.37
N TYR A 180 -13.11 3.35 11.98
CA TYR A 180 -12.99 4.36 10.92
C TYR A 180 -12.85 3.58 9.62
N LEU A 181 -13.82 3.76 8.72
CA LEU A 181 -13.82 3.10 7.43
C LEU A 181 -13.35 4.11 6.39
N ARG A 182 -12.17 3.89 5.80
CA ARG A 182 -11.63 4.88 4.83
C ARG A 182 -12.55 4.88 3.61
N GLY A 183 -13.19 6.01 3.35
CA GLY A 183 -14.19 6.08 2.27
C GLY A 183 -13.72 6.74 0.99
N ASP A 184 -12.52 7.30 1.00
CA ASP A 184 -12.04 8.07 -0.15
C ASP A 184 -10.85 7.48 -0.89
N ASP A 185 -10.43 6.28 -0.52
CA ASP A 185 -9.34 5.62 -1.20
C ASP A 185 -9.81 4.21 -1.57
N PRO A 186 -9.86 3.88 -2.87
CA PRO A 186 -10.43 2.64 -3.38
C PRO A 186 -9.67 1.38 -2.97
N TYR A 187 -8.41 1.55 -2.56
CA TYR A 187 -7.65 0.39 -2.10
C TYR A 187 -8.36 -0.25 -0.90
N TRP A 188 -9.02 0.58 -0.10
CA TRP A 188 -9.70 0.09 1.11
C TRP A 188 -10.99 -0.71 0.81
N PHE A 189 -11.41 -0.72 -0.44
CA PHE A 189 -12.55 -1.54 -0.87
C PHE A 189 -12.11 -3.00 -0.93
N LEU A 190 -10.83 -3.23 -1.23
CA LEU A 190 -10.43 -4.60 -1.58
C LEU A 190 -10.65 -5.65 -0.47
N PRO A 191 -10.30 -5.35 0.80
CA PRO A 191 -10.63 -6.35 1.83
C PRO A 191 -12.10 -6.74 1.85
N TYR A 192 -13.01 -5.80 1.66
CA TYR A 192 -14.44 -6.13 1.64
C TYR A 192 -14.81 -7.00 0.45
N LEU A 193 -14.23 -6.66 -0.69
CA LEU A 193 -14.45 -7.42 -1.92
C LEU A 193 -13.99 -8.86 -1.73
N TYR A 194 -12.76 -9.05 -1.27
CA TYR A 194 -12.22 -10.39 -1.05
C TYR A 194 -13.07 -11.14 0.00
N GLY A 195 -13.49 -10.44 1.06
CA GLY A 195 -14.29 -11.10 2.13
C GLY A 195 -15.65 -11.58 1.64
N GLU A 196 -16.17 -10.95 0.59
CA GLU A 196 -17.43 -11.38 -0.01
C GLU A 196 -17.24 -12.41 -1.13
N GLY A 197 -15.99 -12.80 -1.35
CA GLY A 197 -15.70 -13.86 -2.31
C GLY A 197 -15.38 -13.37 -3.71
N GLY A 198 -14.99 -12.10 -3.81
CA GLY A 198 -14.77 -11.47 -5.12
C GLY A 198 -13.33 -11.11 -5.43
N ASP A 199 -13.13 -10.61 -6.64
CA ASP A 199 -11.83 -10.09 -7.08
C ASP A 199 -12.11 -9.20 -8.29
N LEU A 200 -11.12 -8.39 -8.66
CA LEU A 200 -11.27 -7.44 -9.77
C LEU A 200 -11.44 -8.11 -11.13
N VAL A 201 -10.47 -8.95 -11.47
CA VAL A 201 -10.47 -9.69 -12.74
C VAL A 201 -9.94 -11.12 -12.55
N ASP A 202 -10.30 -11.98 -13.49
CA ASP A 202 -9.65 -13.27 -13.62
C ASP A 202 -8.62 -13.09 -14.72
N GLU A 203 -7.35 -12.87 -14.32
CA GLU A 203 -6.29 -12.58 -15.29
C GLU A 203 -6.08 -13.72 -16.28
N LYS A 204 -5.95 -14.94 -15.76
CA LYS A 204 -5.66 -16.11 -16.61
C LYS A 204 -6.71 -16.31 -17.70
N ASN A 205 -7.96 -16.00 -17.38
CA ASN A 205 -9.05 -16.15 -18.34
C ASN A 205 -9.54 -14.85 -19.00
N LYS A 206 -8.82 -13.76 -18.73
CA LYS A 206 -9.17 -12.40 -19.20
C LYS A 206 -10.66 -12.07 -19.08
N THR A 207 -11.17 -12.18 -17.85
CA THR A 207 -12.58 -11.94 -17.58
C THR A 207 -12.73 -10.94 -16.43
N VAL A 208 -13.52 -9.89 -16.64
CA VAL A 208 -13.81 -8.94 -15.53
C VAL A 208 -14.77 -9.62 -14.55
N THR A 209 -14.41 -9.57 -13.27
CA THR A 209 -15.20 -10.26 -12.24
C THR A 209 -15.75 -9.36 -11.11
N VAL A 210 -15.36 -8.09 -11.10
CA VAL A 210 -15.73 -7.15 -10.03
C VAL A 210 -17.24 -6.96 -9.92
N ASP A 211 -17.95 -7.17 -11.03
CA ASP A 211 -19.39 -6.99 -11.10
C ASP A 211 -20.20 -8.27 -10.85
N ASP A 212 -19.51 -9.36 -10.51
CA ASP A 212 -20.15 -10.56 -9.95
C ASP A 212 -20.88 -10.17 -8.66
N GLU A 213 -21.73 -11.05 -8.13
CA GLU A 213 -22.53 -10.72 -6.95
C GLU A 213 -21.64 -10.35 -5.75
N ALA A 214 -20.40 -10.84 -5.71
CA ALA A 214 -19.50 -10.49 -4.59
C ALA A 214 -19.27 -8.97 -4.54
N GLY A 215 -19.20 -8.34 -5.72
CA GLY A 215 -19.00 -6.87 -5.81
C GLY A 215 -20.19 -6.13 -5.23
N VAL A 216 -21.38 -6.61 -5.56
CA VAL A 216 -22.61 -6.05 -5.01
C VAL A 216 -22.58 -6.18 -3.48
N ARG A 217 -22.31 -7.39 -3.00
CA ARG A 217 -22.25 -7.62 -1.56
C ARG A 217 -21.26 -6.70 -0.85
N ALA A 218 -20.10 -6.51 -1.46
CA ALA A 218 -19.02 -5.68 -0.85
C ALA A 218 -19.45 -4.22 -0.75
N TYR A 219 -20.08 -3.69 -1.81
CA TYR A 219 -20.58 -2.31 -1.70
C TYR A 219 -21.67 -2.22 -0.64
N ARG A 220 -22.51 -3.25 -0.53
CA ARG A 220 -23.57 -3.25 0.48
C ARG A 220 -22.98 -3.28 1.89
N VAL A 221 -21.92 -4.08 2.07
CA VAL A 221 -21.28 -4.19 3.40
C VAL A 221 -20.79 -2.83 3.90
N ILE A 222 -20.10 -2.07 3.04
CA ILE A 222 -19.49 -0.80 3.48
C ILE A 222 -20.59 0.21 3.84
N LYS A 223 -21.66 0.18 3.06
CA LYS A 223 -22.77 1.10 3.33
C LYS A 223 -23.45 0.73 4.65
N ASP A 224 -23.62 -0.57 4.90
CA ASP A 224 -24.24 -1.01 6.15
C ASP A 224 -23.37 -0.66 7.37
N LEU A 225 -22.05 -0.77 7.21
CA LEU A 225 -21.16 -0.45 8.35
C LEU A 225 -21.33 1.00 8.77
N VAL A 226 -21.43 1.92 7.80
CA VAL A 226 -21.62 3.33 8.15
C VAL A 226 -23.06 3.60 8.60
N ASP A 227 -24.05 3.12 7.85
CA ASP A 227 -25.44 3.42 8.23
C ASP A 227 -25.80 2.95 9.63
N SER A 228 -25.26 1.79 10.02
CA SER A 228 -25.53 1.14 11.31
C SER A 228 -24.77 1.82 12.47
N LYS A 229 -23.88 2.73 12.11
CA LYS A 229 -23.04 3.50 13.05
C LYS A 229 -21.92 2.65 13.67
N ALA A 230 -21.70 1.44 13.13
CA ALA A 230 -20.50 0.66 13.48
C ALA A 230 -19.24 1.39 13.05
N ALA A 231 -19.36 2.18 11.97
CA ALA A 231 -18.21 2.89 11.38
C ALA A 231 -18.57 4.31 11.04
N ILE A 232 -17.55 5.17 11.04
CA ILE A 232 -17.66 6.52 10.46
C ILE A 232 -16.74 6.63 9.24
N THR A 233 -17.01 7.62 8.40
CA THR A 233 -16.18 7.85 7.23
C THR A 233 -16.19 9.32 6.83
N ASP A 234 -15.41 9.65 5.80
CA ASP A 234 -15.37 11.01 5.23
C ASP A 234 -15.13 10.90 3.74
N ALA A 235 -15.73 11.80 2.98
CA ALA A 235 -15.57 11.76 1.53
C ALA A 235 -14.28 12.45 1.04
N SER A 236 -13.58 13.16 1.93
CA SER A 236 -12.32 13.80 1.54
C SER A 236 -11.36 13.76 2.73
N ASP A 237 -10.09 14.09 2.44
CA ASP A 237 -9.02 14.17 3.47
C ASP A 237 -8.98 12.89 4.31
N GLY A 238 -9.16 11.74 3.68
CA GLY A 238 -9.37 10.47 4.40
C GLY A 238 -8.17 9.99 5.18
N TRP A 239 -6.96 10.27 4.70
CA TRP A 239 -5.76 9.83 5.43
C TRP A 239 -5.67 10.55 6.78
N ASN A 240 -5.74 11.88 6.74
CA ASN A 240 -5.68 12.67 7.97
C ASN A 240 -6.89 12.41 8.87
N ASN A 241 -8.08 12.29 8.27
CA ASN A 241 -9.26 12.04 9.07
C ASN A 241 -9.17 10.69 9.82
N MET A 242 -8.68 9.67 9.12
CA MET A 242 -8.54 8.32 9.70
C MET A 242 -7.55 8.36 10.86
N GLN A 243 -6.39 8.92 10.57
CA GLN A 243 -5.31 8.95 11.57
C GLN A 243 -5.75 9.76 12.78
N ASN A 244 -6.41 10.89 12.54
CA ASN A 244 -6.86 11.74 13.62
C ASN A 244 -7.90 11.00 14.45
N ALA A 245 -8.83 10.29 13.79
CA ALA A 245 -9.90 9.64 14.53
C ALA A 245 -9.33 8.50 15.39
N PHE A 246 -8.37 7.77 14.84
CA PHE A 246 -7.74 6.66 15.58
C PHE A 246 -6.87 7.18 16.72
N LYS A 247 -6.03 8.18 16.44
CA LYS A 247 -5.16 8.74 17.46
C LYS A 247 -5.91 9.44 18.61
N SER A 248 -7.08 10.02 18.30
CA SER A 248 -7.85 10.76 19.31
C SER A 248 -8.82 9.89 20.09
N GLY A 249 -8.92 8.61 19.70
CA GLY A 249 -9.82 7.68 20.40
C GLY A 249 -11.28 7.85 19.99
N LYS A 250 -11.52 8.60 18.91
CA LYS A 250 -12.86 8.71 18.35
C LYS A 250 -13.36 7.36 17.83
N VAL A 251 -12.43 6.58 17.30
CA VAL A 251 -12.72 5.19 16.89
C VAL A 251 -11.77 4.22 17.59
N ALA A 252 -12.19 2.96 17.69
CA ALA A 252 -11.39 1.92 18.33
C ALA A 252 -10.55 1.14 17.33
N MET A 253 -10.90 1.22 16.05
CA MET A 253 -10.27 0.38 15.02
C MET A 253 -10.15 1.17 13.72
N MET A 254 -9.16 0.80 12.92
CA MET A 254 -9.05 1.27 11.53
C MET A 254 -8.37 0.18 10.71
N VAL A 255 -8.56 0.23 9.40
CA VAL A 255 -7.79 -0.64 8.52
C VAL A 255 -6.63 0.20 7.97
N ASN A 256 -5.41 -0.32 8.05
CA ASN A 256 -4.26 0.46 7.60
C ASN A 256 -3.08 -0.45 7.35
N GLY A 257 -1.94 0.13 6.99
CA GLY A 257 -0.76 -0.65 6.67
C GLY A 257 0.49 -0.28 7.47
N PRO A 258 1.61 -0.95 7.20
CA PRO A 258 2.83 -0.73 7.98
C PRO A 258 3.32 0.72 7.95
N TRP A 259 3.02 1.43 6.87
CA TRP A 259 3.38 2.85 6.72
C TRP A 259 2.69 3.75 7.76
N ALA A 260 1.74 3.20 8.52
CA ALA A 260 1.01 3.96 9.54
C ALA A 260 1.57 3.77 10.95
N ILE A 261 2.43 2.77 11.12
CA ILE A 261 2.88 2.32 12.46
C ILE A 261 3.58 3.47 13.22
N GLU A 262 4.67 4.00 12.66
CA GLU A 262 5.35 5.08 13.37
C GLU A 262 4.49 6.34 13.51
N ASP A 263 3.64 6.61 12.50
CA ASP A 263 2.72 7.74 12.60
C ASP A 263 1.78 7.59 13.79
N VAL A 264 1.22 6.39 13.96
CA VAL A 264 0.33 6.13 15.10
C VAL A 264 1.08 6.26 16.43
N LYS A 265 2.29 5.71 16.48
CA LYS A 265 3.09 5.69 17.73
C LYS A 265 3.54 7.06 18.20
N ALA A 266 3.46 8.05 17.31
CA ALA A 266 3.72 9.45 17.69
C ALA A 266 2.63 10.00 18.62
N GLY A 267 1.45 9.37 18.58
CA GLY A 267 0.30 9.85 19.33
C GLY A 267 0.41 9.47 20.80
N ALA A 268 -0.04 10.38 21.66
CA ALA A 268 -0.07 10.10 23.12
C ALA A 268 -0.73 8.79 23.50
N ARG A 269 -1.69 8.36 22.67
CA ARG A 269 -2.46 7.18 22.96
C ARG A 269 -1.72 5.88 22.64
N PHE A 270 -0.63 5.96 21.88
CA PHE A 270 0.05 4.77 21.38
C PHE A 270 1.57 4.82 21.51
N LYS A 271 2.06 5.60 22.43
CA LYS A 271 3.48 5.65 22.65
C LYS A 271 4.05 4.26 22.94
N ASP A 272 5.11 3.91 22.22
CA ASP A 272 5.80 2.59 22.20
C ASP A 272 4.96 1.42 21.63
N ALA A 273 3.81 1.77 21.10
CA ALA A 273 2.88 0.79 20.61
C ALA A 273 2.34 -0.16 21.64
N GLY A 274 2.55 0.02 22.92
CA GLY A 274 1.96 -0.96 23.82
C GLY A 274 0.42 -1.07 23.72
N ASN A 275 -0.25 0.02 23.44
CA ASN A 275 -1.68 0.02 23.31
C ASN A 275 -2.14 -0.25 21.90
N LEU A 276 -1.21 -0.50 21.00
CA LEU A 276 -1.55 -0.66 19.58
C LEU A 276 -1.60 -2.14 19.27
N GLY A 277 -2.80 -2.63 18.95
CA GLY A 277 -2.94 -4.00 18.48
C GLY A 277 -3.06 -4.02 16.95
N VAL A 278 -2.68 -5.16 16.37
CA VAL A 278 -2.91 -5.40 14.95
C VAL A 278 -3.36 -6.86 14.73
N ALA A 279 -4.27 -7.04 13.78
CA ALA A 279 -4.86 -8.36 13.47
C ALA A 279 -5.25 -8.35 11.99
N PRO A 280 -5.61 -9.51 11.43
CA PRO A 280 -6.03 -9.50 10.02
C PRO A 280 -7.28 -8.66 9.78
N VAL A 281 -7.43 -8.11 8.58
CA VAL A 281 -8.70 -7.51 8.21
C VAL A 281 -9.82 -8.55 8.40
N PRO A 282 -11.01 -8.07 8.78
CA PRO A 282 -12.11 -9.02 9.07
C PRO A 282 -12.56 -9.82 7.83
N ALA A 283 -12.88 -11.09 8.06
CA ALA A 283 -13.56 -11.92 7.08
C ALA A 283 -14.92 -11.31 6.71
N GLY A 284 -15.37 -11.56 5.49
CA GLY A 284 -16.76 -11.28 5.11
C GLY A 284 -17.57 -12.58 5.07
N SER A 285 -18.66 -12.56 4.30
CA SER A 285 -19.59 -13.68 4.32
C SER A 285 -19.05 -14.93 3.64
N ALA A 286 -18.00 -14.76 2.82
CA ALA A 286 -17.45 -15.88 2.01
C ALA A 286 -16.09 -16.35 2.46
N GLY A 287 -15.29 -15.45 3.06
CA GLY A 287 -13.90 -15.79 3.37
C GLY A 287 -13.21 -14.50 3.76
N GLN A 288 -11.90 -14.42 3.55
CA GLN A 288 -11.13 -13.25 4.01
C GLN A 288 -9.98 -12.98 3.06
N GLY A 289 -9.59 -11.71 2.91
CA GLY A 289 -8.43 -11.40 2.08
C GLY A 289 -7.97 -9.97 2.24
N SER A 290 -6.68 -9.75 1.97
CA SER A 290 -6.15 -8.37 1.96
C SER A 290 -5.21 -8.20 0.75
N PRO A 291 -5.14 -7.00 0.13
CA PRO A 291 -4.34 -6.80 -1.08
C PRO A 291 -2.83 -6.74 -0.82
N GLN A 292 -2.04 -7.15 -1.81
CA GLN A 292 -0.59 -6.96 -1.76
C GLN A 292 -0.28 -5.60 -2.36
N GLY A 293 0.51 -4.80 -1.62
CA GLY A 293 0.98 -3.51 -2.13
C GLY A 293 2.47 -3.38 -1.89
N GLY A 294 2.98 -2.15 -2.02
CA GLY A 294 4.37 -1.88 -1.72
C GLY A 294 5.04 -0.99 -2.74
N TRP A 295 6.36 -0.92 -2.63
CA TRP A 295 7.17 0.04 -3.39
C TRP A 295 8.41 -0.64 -3.92
N ASN A 296 8.77 -0.24 -5.13
CA ASN A 296 9.99 -0.64 -5.80
C ASN A 296 10.81 0.60 -6.12
N LEU A 297 12.01 0.39 -6.65
CA LEU A 297 12.88 1.49 -7.06
C LEU A 297 13.20 1.35 -8.54
N SER A 298 12.93 2.41 -9.30
CA SER A 298 13.16 2.45 -10.75
C SER A 298 14.11 3.57 -11.14
N VAL A 299 14.71 3.44 -12.34
CA VAL A 299 15.61 4.45 -12.88
C VAL A 299 14.93 5.08 -14.10
N TYR A 300 14.93 6.40 -14.15
CA TYR A 300 14.39 7.11 -15.32
C TYR A 300 15.21 6.79 -16.57
N ALA A 301 14.52 6.39 -17.64
CA ALA A 301 15.13 5.99 -18.91
C ALA A 301 16.03 7.07 -19.50
N GLY A 302 15.67 8.33 -19.26
CA GLY A 302 16.47 9.46 -19.75
C GLY A 302 17.52 10.01 -18.81
N SER A 303 17.82 9.29 -17.71
CA SER A 303 18.82 9.75 -16.74
C SER A 303 20.19 10.06 -17.37
N LYS A 304 20.78 11.19 -16.95
CA LYS A 304 22.14 11.58 -17.38
C LYS A 304 23.18 11.02 -16.43
N ASN A 305 22.75 10.15 -15.51
CA ASN A 305 23.66 9.52 -14.57
C ASN A 305 23.20 8.10 -14.27
N LEU A 306 23.03 7.31 -15.34
CA LEU A 306 22.54 5.93 -15.24
C LEU A 306 23.39 5.03 -14.34
N ASP A 307 24.73 5.12 -14.45
CA ASP A 307 25.63 4.27 -13.63
C ASP A 307 25.45 4.49 -12.13
N ALA A 308 25.54 5.77 -11.73
CA ALA A 308 25.41 6.15 -10.33
C ALA A 308 24.01 5.81 -9.81
N SER A 309 23.02 5.89 -10.70
CA SER A 309 21.63 5.52 -10.38
C SER A 309 21.47 4.03 -10.14
N TYR A 310 22.08 3.20 -11.00
CA TYR A 310 22.02 1.76 -10.78
C TYR A 310 22.62 1.40 -9.43
N ALA A 311 23.74 2.01 -9.09
CA ALA A 311 24.40 1.76 -7.82
C ALA A 311 23.56 2.28 -6.66
N PHE A 312 22.90 3.43 -6.86
CA PHE A 312 22.01 3.97 -5.82
C PHE A 312 20.86 3.00 -5.55
N VAL A 313 20.28 2.47 -6.62
CA VAL A 313 19.22 1.49 -6.50
C VAL A 313 19.69 0.20 -5.78
N LYS A 314 20.85 -0.32 -6.17
CA LYS A 314 21.44 -1.49 -5.50
C LYS A 314 21.64 -1.23 -4.00
N TYR A 315 22.16 -0.05 -3.67
CA TYR A 315 22.35 0.39 -2.30
C TYR A 315 21.02 0.48 -1.54
N MET A 316 20.05 1.22 -2.09
CA MET A 316 18.76 1.39 -1.40
C MET A 316 17.98 0.09 -1.22
N SER A 317 18.24 -0.90 -2.07
CA SER A 317 17.54 -2.18 -2.03
C SER A 317 18.36 -3.29 -1.35
N SER A 318 19.56 -2.95 -0.87
CA SER A 318 20.47 -3.92 -0.26
C SER A 318 19.91 -4.43 1.05
N ALA A 319 20.31 -5.64 1.43
CA ALA A 319 19.92 -6.19 2.73
C ALA A 319 20.19 -5.23 3.89
N LYS A 320 21.34 -4.53 3.85
CA LYS A 320 21.68 -3.60 4.93
C LYS A 320 20.65 -2.48 5.09
N VAL A 321 20.26 -1.86 3.99
CA VAL A 321 19.33 -0.74 4.03
C VAL A 321 17.90 -1.22 4.35
N GLN A 322 17.51 -2.37 3.81
CA GLN A 322 16.20 -2.93 4.14
C GLN A 322 16.10 -3.23 5.64
N GLN A 323 17.19 -3.73 6.21
CA GLN A 323 17.21 -4.00 7.64
C GLN A 323 17.08 -2.70 8.43
N GLN A 324 17.85 -1.68 8.06
CA GLN A 324 17.73 -0.36 8.71
C GLN A 324 16.31 0.21 8.66
N THR A 325 15.65 0.07 7.50
CA THR A 325 14.30 0.58 7.30
C THR A 325 13.34 -0.05 8.31
N THR A 326 13.47 -1.36 8.51
CA THR A 326 12.64 -2.08 9.47
C THR A 326 12.92 -1.60 10.89
N GLU A 327 14.20 -1.44 11.19
CA GLU A 327 14.60 -1.03 12.54
C GLU A 327 14.07 0.36 12.92
N LYS A 328 13.95 1.24 11.93
CA LYS A 328 13.51 2.59 12.18
C LYS A 328 12.00 2.77 11.98
N LEU A 329 11.40 1.96 11.10
CA LEU A 329 10.03 2.21 10.62
C LEU A 329 9.07 1.04 10.68
N SER A 330 9.60 -0.16 10.86
CA SER A 330 8.83 -1.42 10.83
C SER A 330 8.17 -1.67 9.49
N LEU A 331 8.74 -1.12 8.41
CA LEU A 331 8.33 -1.53 7.07
C LEU A 331 8.90 -2.89 6.71
N LEU A 332 8.18 -3.64 5.87
CA LEU A 332 8.58 -5.02 5.61
C LEU A 332 9.57 -5.14 4.48
N PRO A 333 10.70 -5.84 4.73
CA PRO A 333 11.68 -6.09 3.69
C PRO A 333 11.11 -6.98 2.57
N THR A 334 11.62 -6.79 1.36
CA THR A 334 11.31 -7.72 0.27
C THR A 334 12.30 -8.87 0.20
N ARG A 335 13.45 -8.69 0.85
CA ARG A 335 14.50 -9.70 0.91
C ARG A 335 14.28 -10.77 1.99
N THR A 336 14.13 -12.02 1.53
CA THR A 336 13.94 -13.17 2.42
C THR A 336 15.07 -13.27 3.45
N SER A 337 16.31 -13.04 3.02
CA SER A 337 17.47 -13.09 3.91
C SER A 337 17.35 -12.15 5.11
N VAL A 338 16.67 -11.02 4.92
CA VAL A 338 16.57 -10.00 5.97
C VAL A 338 15.68 -10.48 7.12
N TYR A 339 14.75 -11.36 6.80
CA TYR A 339 13.86 -11.92 7.82
C TYR A 339 14.59 -12.86 8.78
N GLU A 340 15.80 -13.26 8.42
CA GLU A 340 16.63 -14.15 9.25
C GLU A 340 17.54 -13.38 10.19
N VAL A 341 17.60 -12.06 9.99
CA VAL A 341 18.32 -11.16 10.89
C VAL A 341 17.51 -11.04 12.18
N PRO A 342 18.12 -11.43 13.33
CA PRO A 342 17.38 -11.45 14.59
C PRO A 342 16.60 -10.17 14.87
N SER A 343 17.19 -9.02 14.57
CA SER A 343 16.54 -7.71 14.72
C SER A 343 15.21 -7.56 13.93
N VAL A 344 15.14 -8.24 12.80
CA VAL A 344 13.94 -8.17 11.99
C VAL A 344 13.01 -9.28 12.44
N ALA A 345 13.56 -10.48 12.66
CA ALA A 345 12.77 -11.67 12.98
C ALA A 345 11.98 -11.51 14.27
N ASP A 346 12.52 -10.70 15.18
CA ASP A 346 11.94 -10.49 16.52
C ASP A 346 11.08 -9.22 16.65
N ASN A 347 10.91 -8.47 15.56
CA ASN A 347 10.06 -7.29 15.54
C ASN A 347 8.58 -7.72 15.52
N GLU A 348 7.78 -7.25 16.47
CA GLU A 348 6.40 -7.78 16.64
C GLU A 348 5.44 -7.34 15.55
N MET A 349 5.65 -6.15 14.99
CA MET A 349 4.83 -5.70 13.86
C MET A 349 5.16 -6.56 12.65
N VAL A 350 6.45 -6.81 12.44
CA VAL A 350 6.91 -7.71 11.39
C VAL A 350 6.39 -9.14 11.57
N LYS A 351 6.45 -9.65 12.80
CA LYS A 351 5.98 -10.99 13.05
C LYS A 351 4.51 -11.15 12.69
N PHE A 352 3.70 -10.11 12.89
CA PHE A 352 2.31 -10.16 12.41
C PHE A 352 2.19 -9.93 10.90
N PHE A 353 2.82 -8.86 10.41
CA PHE A 353 2.60 -8.46 9.00
C PHE A 353 3.19 -9.42 7.96
N LYS A 354 4.29 -10.09 8.28
CA LYS A 354 4.92 -10.97 7.29
C LYS A 354 4.00 -12.14 6.85
N PRO A 355 3.43 -12.90 7.80
CA PRO A 355 2.44 -13.92 7.43
C PRO A 355 1.23 -13.34 6.67
N ALA A 356 0.78 -12.15 7.07
CA ALA A 356 -0.35 -11.53 6.39
C ALA A 356 0.05 -11.18 4.95
N VAL A 357 1.28 -10.70 4.79
CA VAL A 357 1.79 -10.43 3.46
C VAL A 357 1.87 -11.73 2.66
N ASP A 358 2.29 -12.82 3.29
CA ASP A 358 2.40 -14.09 2.57
C ASP A 358 1.06 -14.53 1.95
N LYS A 359 -0.02 -14.18 2.63
CA LYS A 359 -1.38 -14.50 2.17
C LYS A 359 -2.03 -13.46 1.25
N ALA A 360 -1.39 -12.28 1.13
CA ALA A 360 -2.00 -11.17 0.40
C ALA A 360 -2.30 -11.48 -1.06
N VAL A 361 -3.41 -10.95 -1.56
CA VAL A 361 -3.88 -11.21 -2.91
C VAL A 361 -3.05 -10.42 -3.91
N GLU A 362 -2.43 -11.13 -4.86
CA GLU A 362 -1.63 -10.47 -5.88
C GLU A 362 -2.56 -9.95 -6.96
N ARG A 363 -2.21 -8.81 -7.54
CA ARG A 363 -2.98 -8.27 -8.64
C ARG A 363 -2.31 -8.61 -9.97
N PRO A 364 -3.05 -8.38 -11.07
CA PRO A 364 -2.44 -8.51 -12.38
C PRO A 364 -1.46 -7.35 -12.60
N TRP A 365 -0.22 -7.69 -12.91
CA TRP A 365 0.80 -6.66 -13.13
C TRP A 365 0.76 -6.23 -14.59
N ILE A 366 -0.27 -5.43 -14.88
CA ILE A 366 -0.57 -5.01 -16.24
C ILE A 366 -0.49 -3.49 -16.32
N ALA A 367 -0.26 -2.97 -17.53
CA ALA A 367 -0.17 -1.53 -17.76
C ALA A 367 -1.38 -0.77 -17.19
N GLU A 368 -2.55 -1.41 -17.23
CA GLU A 368 -3.81 -0.76 -16.81
C GLU A 368 -4.18 -1.01 -15.35
N GLY A 369 -3.33 -1.76 -14.64
CA GLY A 369 -3.66 -2.18 -13.27
C GLY A 369 -3.92 -1.02 -12.33
N ASN A 370 -3.06 0.00 -12.44
CA ASN A 370 -3.19 1.24 -11.69
C ASN A 370 -4.53 1.95 -11.93
N ALA A 371 -4.99 1.93 -13.17
CA ALA A 371 -6.25 2.58 -13.54
C ALA A 371 -7.51 1.86 -13.03
N LEU A 372 -7.35 0.66 -12.48
CA LEU A 372 -8.51 -0.10 -11.94
C LEU A 372 -9.09 0.57 -10.72
N PHE A 373 -8.33 1.47 -10.12
CA PHE A 373 -8.75 2.03 -8.85
C PHE A 373 -9.73 3.18 -8.95
N GLU A 374 -9.58 4.00 -9.99
CA GLU A 374 -10.44 5.19 -10.07
C GLU A 374 -11.95 4.83 -10.13
N PRO A 375 -12.32 3.81 -10.92
CA PRO A 375 -13.73 3.47 -11.00
C PRO A 375 -14.28 3.04 -9.65
N ILE A 376 -13.50 2.25 -8.92
CA ILE A 376 -13.94 1.88 -7.58
C ILE A 376 -14.14 3.15 -6.76
N ARG A 377 -13.18 4.08 -6.83
CA ARG A 377 -13.24 5.28 -6.02
C ARG A 377 -14.57 6.01 -6.18
N LEU A 378 -14.98 6.25 -7.44
CA LEU A 378 -16.23 6.95 -7.67
C LEU A 378 -17.45 6.17 -7.20
N GLN A 379 -17.50 4.87 -7.46
CA GLN A 379 -18.69 4.12 -7.10
C GLN A 379 -18.76 3.96 -5.59
N MET A 380 -17.60 3.74 -4.97
CA MET A 380 -17.58 3.62 -3.50
C MET A 380 -18.08 4.92 -2.86
N ALA A 381 -17.65 6.08 -3.36
CA ALA A 381 -18.11 7.35 -2.79
C ALA A 381 -19.65 7.47 -2.90
N ASN A 382 -20.16 7.14 -4.07
CA ASN A 382 -21.58 7.27 -4.33
C ASN A 382 -22.43 6.26 -3.58
N VAL A 383 -21.90 5.07 -3.33
CA VAL A 383 -22.61 4.12 -2.46
C VAL A 383 -22.67 4.68 -1.04
N LEU A 384 -21.55 5.19 -0.55
CA LEU A 384 -21.51 5.65 0.85
C LEU A 384 -22.45 6.84 1.08
N SER A 385 -22.62 7.69 0.07
CA SER A 385 -23.48 8.86 0.22
C SER A 385 -24.95 8.55 -0.05
N GLY A 386 -25.23 7.39 -0.62
CA GLY A 386 -26.59 7.00 -0.95
C GLY A 386 -27.04 7.40 -2.33
N GLU A 387 -26.10 7.91 -3.13
CA GLU A 387 -26.44 8.31 -4.50
C GLU A 387 -26.57 7.13 -5.46
N THR A 388 -25.94 6.01 -5.12
CA THR A 388 -25.84 4.84 -5.99
C THR A 388 -26.08 3.58 -5.18
N SER A 389 -26.91 2.68 -5.69
CA SER A 389 -27.15 1.39 -5.02
C SER A 389 -25.94 0.48 -5.18
N PRO A 390 -25.73 -0.46 -4.25
CA PRO A 390 -24.70 -1.48 -4.45
C PRO A 390 -24.76 -2.21 -5.78
N ASP A 391 -25.98 -2.53 -6.22
CA ASP A 391 -26.18 -3.20 -7.49
C ASP A 391 -25.65 -2.36 -8.67
N GLU A 392 -26.07 -1.10 -8.73
CA GLU A 392 -25.58 -0.21 -9.79
C GLU A 392 -24.07 0.01 -9.69
N ALA A 393 -23.56 0.15 -8.47
CA ALA A 393 -22.14 0.41 -8.28
C ALA A 393 -21.29 -0.72 -8.83
N ALA A 394 -21.69 -1.98 -8.57
CA ALA A 394 -20.91 -3.12 -9.08
C ALA A 394 -20.93 -3.14 -10.60
N ALA A 395 -22.12 -2.93 -11.18
CA ALA A 395 -22.30 -2.95 -12.62
C ALA A 395 -21.45 -1.85 -13.27
N ASN A 396 -21.48 -0.65 -12.66
CA ASN A 396 -20.72 0.50 -13.16
C ASN A 396 -19.22 0.23 -13.13
N THR A 397 -18.76 -0.41 -12.04
CA THR A 397 -17.34 -0.73 -11.90
C THR A 397 -16.92 -1.71 -13.02
N GLY A 398 -17.77 -2.71 -13.25
CA GLY A 398 -17.54 -3.70 -14.31
C GLY A 398 -17.45 -3.04 -15.68
N ASP A 399 -18.40 -2.16 -15.96
CA ASP A 399 -18.43 -1.41 -17.23
C ASP A 399 -17.15 -0.61 -17.39
N ALA A 400 -16.69 0.03 -16.32
CA ALA A 400 -15.47 0.82 -16.39
C ALA A 400 -14.25 -0.05 -16.70
N TYR A 401 -14.19 -1.24 -16.10
CA TYR A 401 -13.12 -2.18 -16.40
C TYR A 401 -13.14 -2.69 -17.84
N ARG A 402 -14.32 -3.01 -18.37
CA ARG A 402 -14.40 -3.48 -19.76
C ARG A 402 -13.92 -2.43 -20.74
N LYS A 403 -14.18 -1.16 -20.43
CA LYS A 403 -13.68 -0.03 -21.25
C LYS A 403 -12.15 0.09 -21.21
N LEU A 404 -11.58 -0.11 -20.03
CA LEU A 404 -10.13 -0.08 -19.79
C LEU A 404 -9.41 -1.26 -20.40
N LEU A 405 -10.01 -2.44 -20.32
CA LEU A 405 -9.37 -3.68 -20.73
C LEU A 405 -10.07 -4.26 -21.97
N LYS A 406 -9.61 -3.85 -23.14
CA LYS A 406 -10.28 -4.17 -24.40
C LYS A 406 -10.29 -5.66 -24.77
N ASP A 407 -9.33 -6.42 -24.25
CA ASP A 407 -9.26 -7.86 -24.51
C ASP A 407 -9.82 -8.69 -23.35
N TYR A 408 -10.48 -8.03 -22.41
CA TYR A 408 -11.19 -8.72 -21.32
C TYR A 408 -12.68 -8.82 -21.65
N LYS A 409 -13.29 -9.96 -21.35
CA LYS A 409 -14.74 -10.14 -21.46
C LYS A 409 -15.40 -9.66 -20.17
C1 GLC B . 3.39 6.84 1.47
C2 GLC B . 3.71 5.50 2.13
C3 GLC B . 3.10 4.36 1.31
C4 GLC B . 1.59 4.59 1.18
C5 GLC B . 1.27 6.00 0.69
C6 GLC B . -0.20 6.35 0.81
O1 GLC B . 3.90 6.83 0.13
O2 GLC B . 5.13 5.31 2.19
O3 GLC B . 3.40 3.09 1.91
O4 GLC B . 1.07 3.67 0.22
O5 GLC B . 1.97 7.04 1.45
O6 GLC B . -0.61 6.30 2.19
C1 GLC B . 0.32 2.55 0.71
C2 GLC B . 0.78 1.28 0.00
C3 GLC B . 0.44 1.31 -1.49
C4 GLC B . -1.06 1.62 -1.65
C5 GLC B . -1.46 2.88 -0.88
C6 GLC B . -2.95 3.20 -0.85
O2 GLC B . 2.18 1.09 0.23
O3 GLC B . 0.78 0.04 -2.05
O4 GLC B . -1.38 1.74 -3.05
O5 GLC B . -1.07 2.76 0.50
O6 GLC B . -3.21 4.45 -0.20
C1 GLC B . -2.58 1.04 -3.45
C2 GLC B . -2.40 0.49 -4.85
C3 GLC B . -2.04 1.62 -5.79
C4 GLC B . -3.18 2.65 -5.82
C5 GLC B . -3.69 2.98 -4.41
C6 GLC B . -5.11 3.57 -4.47
O2 GLC B . -1.42 -0.55 -4.82
O3 GLC B . -1.75 1.08 -7.09
O4 GLC B . -2.73 3.86 -6.43
O5 GLC B . -3.77 1.86 -3.51
O6 GLC B . -5.11 4.61 -3.52
C1 GLC B . -3.78 4.65 -7.04
C2 GLC B . -3.78 6.10 -6.57
C3 GLC B . -2.52 6.89 -7.00
C4 GLC B . -1.62 6.17 -8.01
C5 GLC B . -2.26 5.03 -8.81
C6 GLC B . -1.35 3.82 -8.80
O2 GLC B . -5.00 6.70 -7.04
O3 GLC B . -2.88 8.18 -7.49
O4 GLC B . -1.03 7.04 -8.98
O5 GLC B . -3.60 4.67 -8.43
O6 GLC B . -2.09 2.69 -9.28
#